data_8R5C
#
_entry.id   8R5C
#
_cell.length_a   83.716
_cell.length_b   44.594
_cell.length_c   59.657
_cell.angle_alpha   90.00
_cell.angle_beta   108.79
_cell.angle_gamma   90.00
#
_symmetry.space_group_name_H-M   'C 1 2 1'
#
loop_
_entity.id
_entity.type
_entity.pdbx_description
1 polymer 'E3 ubiquitin-protein ligase TRIM7'
2 non-polymer '(2~{S})-5-azanyl-5-oxidanylidene-2-[[(2~{S})-2-(3-oxidanylidene-1~{H}-isoindol-2-yl)-3-phenyl-propanoyl]amino]pentanoic acid'
3 non-polymer 1,2-ETHANEDIOL
4 non-polymer 'S,R MESO-TARTARIC ACID'
5 water water
#
_entity_poly.entity_id   1
_entity_poly.type   'polypeptide(L)'
_entity_poly.pdbx_seq_one_letter_code
;GKEEKVELTLDPDTANPRLILSLDLKGVRLGERAQDLPNHPCRFDTNTRVLASCGFSSGRHHWEVEVGSKDGWAFGVARE
SVRRKGLTPFTPEEGVWALQLNGGQYWAVTSPERSPLSCGHLSRVRVALDLEVGAVSFYAVEDMRHLYTFRVNFQERVFP
LFSVCSTGTYLRIWP
;
_entity_poly.pdbx_strand_id   A
#
# COMPACT_ATOMS: atom_id res chain seq x y z
N GLU A 4 14.82 9.97 -8.16
CA GLU A 4 13.76 9.74 -7.11
C GLU A 4 12.83 8.61 -7.50
N LYS A 5 12.72 8.30 -8.79
CA LYS A 5 11.89 7.16 -9.17
C LYS A 5 12.52 5.86 -8.66
N VAL A 6 11.72 4.97 -8.09
CA VAL A 6 12.25 3.70 -7.61
C VAL A 6 11.50 2.55 -8.31
N GLU A 7 12.25 1.47 -8.49
CA GLU A 7 11.78 0.23 -9.10
C GLU A 7 11.55 -0.77 -7.98
N LEU A 8 10.30 -1.00 -7.60
CA LEU A 8 9.99 -1.83 -6.46
C LEU A 8 9.58 -3.24 -6.90
N THR A 9 9.83 -4.18 -6.00
CA THR A 9 9.20 -5.48 -6.05
C THR A 9 8.60 -5.80 -4.69
N LEU A 10 7.57 -6.63 -4.72
CA LEU A 10 6.88 -7.05 -3.54
C LEU A 10 7.73 -8.10 -2.85
N ASP A 11 7.70 -8.04 -1.52
CA ASP A 11 8.52 -8.91 -0.71
C ASP A 11 7.69 -10.11 -0.28
N PRO A 12 7.91 -11.31 -0.85
CA PRO A 12 7.08 -12.43 -0.47
C PRO A 12 7.14 -12.86 0.98
N ASP A 13 8.22 -12.52 1.68
CA ASP A 13 8.29 -12.88 3.08
C ASP A 13 7.36 -12.04 3.95
N THR A 14 6.91 -10.89 3.46
CA THR A 14 5.98 -10.09 4.20
C THR A 14 4.51 -10.48 3.95
N ALA A 15 4.26 -11.14 2.83
CA ALA A 15 2.89 -11.23 2.31
C ALA A 15 2.03 -12.15 3.16
N ASN A 16 0.84 -11.68 3.52
CA ASN A 16 -0.14 -12.52 4.18
C ASN A 16 -0.31 -13.77 3.34
N PRO A 17 -0.43 -14.97 3.95
CA PRO A 17 -0.48 -16.20 3.16
C PRO A 17 -1.71 -16.37 2.25
N ARG A 18 -2.68 -15.52 2.40
CA ARG A 18 -3.83 -15.59 1.46
C ARG A 18 -3.51 -14.80 0.17
N LEU A 19 -2.57 -13.86 0.24
CA LEU A 19 -2.26 -13.12 -0.98
C LEU A 19 -1.56 -14.02 -1.98
N ILE A 20 -1.75 -13.65 -3.24
CA ILE A 20 -0.99 -14.25 -4.32
C ILE A 20 -0.23 -13.11 -4.95
N LEU A 21 1.08 -13.30 -5.04
CA LEU A 21 1.92 -12.36 -5.76
C LEU A 21 2.24 -12.91 -7.13
N SER A 22 2.20 -12.03 -8.13
CA SER A 22 2.51 -12.46 -9.49
C SER A 22 3.97 -12.87 -9.56
N LEU A 23 4.30 -13.64 -10.57
CA LEU A 23 5.65 -14.13 -10.80
C LEU A 23 6.67 -12.99 -10.79
N ASP A 24 6.29 -11.89 -11.43
CA ASP A 24 7.20 -10.75 -11.53
C ASP A 24 7.34 -9.97 -10.23
N LEU A 25 6.61 -10.38 -9.19
CA LEU A 25 6.62 -9.68 -7.90
C LEU A 25 6.20 -8.22 -8.01
N LYS A 26 5.36 -7.89 -9.00
CA LYS A 26 4.83 -6.55 -9.12
C LYS A 26 3.34 -6.50 -8.78
N GLY A 27 2.61 -7.61 -8.90
CA GLY A 27 1.18 -7.64 -8.68
C GLY A 27 0.81 -8.42 -7.42
N VAL A 28 -0.25 -7.94 -6.77
CA VAL A 28 -0.85 -8.63 -5.64
C VAL A 28 -2.35 -8.73 -5.83
N ARG A 29 -2.81 -9.94 -5.55
CA ARG A 29 -4.26 -10.21 -5.52
C ARG A 29 -4.52 -11.08 -4.28
N LEU A 30 -5.79 -11.30 -3.95
CA LEU A 30 -6.17 -12.14 -2.84
C LEU A 30 -6.63 -13.48 -3.38
N GLY A 31 -5.97 -14.54 -2.92
CA GLY A 31 -6.36 -15.90 -3.25
C GLY A 31 -7.56 -16.35 -2.47
N GLU A 32 -8.06 -17.51 -2.85
CA GLU A 32 -9.22 -18.11 -2.23
C GLU A 32 -8.86 -18.76 -0.89
N ARG A 33 -7.62 -19.24 -0.74
CA ARG A 33 -7.17 -20.01 0.42
C ARG A 33 -5.83 -19.49 0.90
N ALA A 34 -5.48 -19.76 2.17
CA ALA A 34 -4.16 -19.45 2.70
C ALA A 34 -3.16 -20.46 2.18
N GLN A 35 -2.05 -19.96 1.60
CA GLN A 35 -0.90 -20.77 1.27
C GLN A 35 -0.28 -21.25 2.58
N ASP A 36 0.44 -22.38 2.49
CA ASP A 36 1.14 -22.91 3.63
C ASP A 36 2.55 -22.32 3.60
N LEU A 37 2.75 -21.19 4.27
CA LEU A 37 4.01 -20.47 4.17
C LEU A 37 4.63 -20.45 5.54
N PRO A 38 5.98 -20.33 5.61
CA PRO A 38 6.61 -20.25 6.91
C PRO A 38 6.31 -18.96 7.66
N ASN A 39 6.42 -19.07 9.00
CA ASN A 39 6.17 -17.99 9.94
C ASN A 39 7.36 -17.03 10.00
N HIS A 40 7.66 -16.40 8.87
CA HIS A 40 8.73 -15.42 8.79
C HIS A 40 8.40 -14.24 9.71
N PRO A 41 9.35 -13.68 10.49
CA PRO A 41 9.04 -12.54 11.36
C PRO A 41 8.44 -11.33 10.66
N CYS A 42 8.75 -11.16 9.36
CA CYS A 42 8.21 -10.05 8.63
C CYS A 42 6.80 -10.28 8.08
N ARG A 43 6.26 -11.50 8.19
CA ARG A 43 5.03 -11.83 7.50
C ARG A 43 3.82 -11.33 8.26
N PHE A 44 2.95 -10.58 7.58
CA PHE A 44 1.63 -10.26 8.12
C PHE A 44 0.80 -11.53 8.21
N ASP A 45 0.45 -11.95 9.42
CA ASP A 45 -0.18 -13.24 9.56
C ASP A 45 -1.69 -13.15 9.54
N THR A 46 -2.27 -11.96 9.62
CA THR A 46 -3.72 -11.82 9.72
C THR A 46 -4.26 -10.81 8.73
N ASN A 47 -3.68 -9.62 8.68
CA ASN A 47 -4.15 -8.61 7.78
C ASN A 47 -3.58 -8.87 6.39
N THR A 48 -4.32 -8.45 5.37
CA THR A 48 -4.03 -8.83 3.99
C THR A 48 -2.97 -7.98 3.30
N ARG A 49 -1.80 -7.87 3.94
CA ARG A 49 -0.82 -6.88 3.53
C ARG A 49 0.43 -7.54 2.97
N VAL A 50 1.15 -6.74 2.19
CA VAL A 50 2.48 -7.07 1.69
C VAL A 50 3.23 -5.73 1.57
N LEU A 51 4.54 -5.77 1.82
CA LEU A 51 5.40 -4.62 1.61
C LEU A 51 6.28 -4.84 0.41
N ALA A 52 6.85 -3.75 -0.13
CA ALA A 52 7.96 -3.89 -1.06
C ALA A 52 9.17 -4.43 -0.32
N SER A 53 10.15 -4.93 -1.09
CA SER A 53 11.38 -5.47 -0.48
C SER A 53 12.32 -4.33 -0.06
N CYS A 54 12.11 -3.15 -0.61
CA CYS A 54 12.93 -1.98 -0.34
CA CYS A 54 12.95 -2.02 -0.26
C CYS A 54 12.15 -0.96 0.50
N GLY A 55 12.79 -0.41 1.52
CA GLY A 55 12.25 0.69 2.27
C GLY A 55 13.23 1.87 2.31
N PHE A 56 12.72 2.99 2.83
CA PHE A 56 13.40 4.27 2.70
C PHE A 56 13.55 4.86 4.09
N SER A 57 14.74 5.42 4.35
CA SER A 57 15.08 6.08 5.60
C SER A 57 15.29 7.58 5.42
N SER A 58 15.61 8.04 4.22
CA SER A 58 15.88 9.44 3.97
C SER A 58 15.53 9.77 2.55
N GLY A 59 15.34 11.06 2.30
CA GLY A 59 15.22 11.57 0.95
C GLY A 59 13.80 11.39 0.41
N ARG A 60 13.73 11.53 -0.91
CA ARG A 60 12.48 11.61 -1.64
C ARG A 60 12.50 10.49 -2.66
N HIS A 61 11.38 9.77 -2.72
CA HIS A 61 11.25 8.65 -3.65
C HIS A 61 9.81 8.59 -4.11
N HIS A 62 9.60 8.07 -5.32
CA HIS A 62 8.24 7.88 -5.79
C HIS A 62 8.14 6.61 -6.61
N TRP A 63 6.92 6.06 -6.58
CA TRP A 63 6.59 4.91 -7.39
C TRP A 63 5.16 5.02 -7.88
N GLU A 64 4.78 4.12 -8.80
CA GLU A 64 3.43 4.17 -9.34
C GLU A 64 2.75 2.82 -9.17
N VAL A 65 1.45 2.92 -8.96
CA VAL A 65 0.63 1.76 -8.62
C VAL A 65 -0.59 1.75 -9.52
N GLU A 66 -0.74 0.66 -10.28
CA GLU A 66 -1.95 0.41 -11.04
C GLU A 66 -2.96 -0.21 -10.10
N VAL A 67 -4.18 0.30 -10.18
CA VAL A 67 -5.19 -0.09 -9.20
C VAL A 67 -6.36 -0.76 -9.91
N GLY A 68 -6.85 -1.83 -9.28
CA GLY A 68 -8.06 -2.49 -9.73
C GLY A 68 -9.27 -1.55 -9.65
N SER A 69 -10.27 -1.82 -10.49
CA SER A 69 -11.49 -1.02 -10.47
CA SER A 69 -11.48 -1.02 -10.47
C SER A 69 -12.41 -1.47 -9.34
N LYS A 70 -12.23 -2.70 -8.84
CA LYS A 70 -13.15 -3.22 -7.83
C LYS A 70 -12.66 -2.92 -6.43
N ASP A 71 -13.60 -2.86 -5.51
CA ASP A 71 -13.34 -2.61 -4.12
C ASP A 71 -12.34 -3.60 -3.56
N GLY A 72 -11.56 -3.15 -2.55
CA GLY A 72 -10.87 -4.05 -1.67
C GLY A 72 -9.38 -3.80 -1.56
N TRP A 73 -8.86 -2.76 -2.22
CA TRP A 73 -7.45 -2.48 -2.05
C TRP A 73 -7.24 -1.26 -1.17
N ALA A 74 -6.02 -1.22 -0.64
CA ALA A 74 -5.45 -0.05 0.02
C ALA A 74 -3.97 -0.08 -0.21
N PHE A 75 -3.36 1.11 -0.35
CA PHE A 75 -1.93 1.11 -0.55
C PHE A 75 -1.37 2.45 -0.09
N GLY A 76 -0.05 2.44 0.17
CA GLY A 76 0.63 3.67 0.52
C GLY A 76 1.94 3.28 1.15
N VAL A 77 2.16 3.64 2.41
CA VAL A 77 3.37 3.26 3.10
C VAL A 77 3.06 2.76 4.49
N ALA A 78 4.01 1.99 5.04
CA ALA A 78 3.96 1.55 6.43
C ALA A 78 5.32 1.81 7.06
N ARG A 79 5.29 2.22 8.33
CA ARG A 79 6.54 2.26 9.07
C ARG A 79 7.00 0.83 9.31
N GLU A 80 8.32 0.61 9.34
CA GLU A 80 8.86 -0.73 9.44
C GLU A 80 8.33 -1.45 10.69
N SER A 81 8.13 -0.68 11.78
CA SER A 81 7.70 -1.22 13.03
C SER A 81 6.22 -1.61 13.03
N VAL A 82 5.51 -1.44 11.91
CA VAL A 82 4.13 -1.93 11.86
C VAL A 82 4.07 -3.38 12.33
N ARG A 83 3.09 -3.69 13.18
CA ARG A 83 2.98 -5.00 13.77
C ARG A 83 2.56 -5.98 12.68
N ARG A 84 3.32 -7.07 12.59
CA ARG A 84 3.10 -8.09 11.58
C ARG A 84 2.19 -9.20 12.11
N LYS A 85 2.36 -9.54 13.39
CA LYS A 85 1.68 -10.68 13.97
C LYS A 85 0.47 -10.18 14.74
N GLY A 86 -0.66 -10.79 14.43
CA GLY A 86 -1.92 -10.47 15.06
C GLY A 86 -2.73 -9.52 14.19
N LEU A 87 -3.93 -9.26 14.65
CA LEU A 87 -4.89 -8.45 13.94
C LEU A 87 -4.64 -7.00 14.33
N THR A 88 -4.26 -6.20 13.34
CA THR A 88 -4.06 -4.79 13.58
C THR A 88 -5.20 -3.99 12.94
N PRO A 89 -5.53 -2.81 13.52
CA PRO A 89 -6.27 -1.79 12.78
C PRO A 89 -5.47 -1.26 11.60
N PHE A 90 -6.19 -0.91 10.54
CA PHE A 90 -5.60 -0.30 9.37
C PHE A 90 -5.69 1.20 9.54
N THR A 91 -4.76 1.78 10.32
CA THR A 91 -4.86 3.17 10.69
C THR A 91 -3.48 3.79 10.82
N PRO A 92 -3.39 5.12 10.66
CA PRO A 92 -2.11 5.81 10.85
C PRO A 92 -1.43 5.52 12.19
N GLU A 93 -2.21 5.49 13.27
CA GLU A 93 -1.64 5.20 14.61
C GLU A 93 -0.97 3.82 14.65
N GLU A 94 -1.45 2.89 13.84
CA GLU A 94 -0.86 1.58 13.79
C GLU A 94 0.15 1.46 12.67
N GLY A 95 0.45 2.57 12.01
CA GLY A 95 1.65 2.66 11.20
C GLY A 95 1.41 2.43 9.71
N VAL A 96 0.17 2.69 9.25
CA VAL A 96 -0.11 2.63 7.82
C VAL A 96 -0.74 3.95 7.38
N TRP A 97 -0.26 4.43 6.24
CA TRP A 97 -0.74 5.64 5.62
C TRP A 97 -1.10 5.33 4.18
N ALA A 98 -2.42 5.26 3.93
CA ALA A 98 -2.91 4.64 2.71
C ALA A 98 -4.14 5.33 2.14
N LEU A 99 -4.29 5.17 0.83
CA LEU A 99 -5.56 5.34 0.13
C LEU A 99 -6.21 3.98 -0.03
N GLN A 100 -7.51 3.99 -0.12
CA GLN A 100 -8.33 2.78 -0.10
C GLN A 100 -9.52 2.95 -1.02
N LEU A 101 -9.93 1.85 -1.68
CA LEU A 101 -11.15 1.83 -2.45
C LEU A 101 -12.08 0.82 -1.80
N ASN A 102 -13.21 1.31 -1.30
CA ASN A 102 -14.26 0.38 -1.00
C ASN A 102 -15.56 1.12 -0.81
N GLY A 103 -16.64 0.36 -0.90
CA GLY A 103 -17.92 1.00 -1.03
C GLY A 103 -18.06 1.81 -2.31
N GLY A 104 -17.25 1.48 -3.33
CA GLY A 104 -17.23 2.24 -4.57
C GLY A 104 -16.71 3.66 -4.40
N GLN A 105 -16.05 3.91 -3.29
CA GLN A 105 -15.54 5.24 -2.96
C GLN A 105 -14.06 5.17 -2.66
N TYR A 106 -13.31 6.25 -3.02
CA TYR A 106 -11.92 6.33 -2.64
C TYR A 106 -11.82 7.11 -1.34
N TRP A 107 -10.92 6.65 -0.48
CA TRP A 107 -10.73 7.20 0.85
C TRP A 107 -9.26 7.42 1.12
N ALA A 108 -8.93 8.46 1.86
CA ALA A 108 -7.68 8.48 2.61
C ALA A 108 -7.99 7.86 3.95
N VAL A 109 -7.20 6.90 4.38
CA VAL A 109 -7.50 6.19 5.60
C VAL A 109 -6.93 6.96 6.79
N THR A 110 -7.67 8.01 7.13
CA THR A 110 -7.53 8.78 8.35
C THR A 110 -8.33 8.04 9.42
N SER A 111 -8.12 8.41 10.68
CA SER A 111 -8.75 7.71 11.79
C SER A 111 -9.08 8.77 12.84
N PRO A 112 -10.15 8.68 13.64
CA PRO A 112 -11.13 7.56 13.60
C PRO A 112 -12.12 7.55 12.46
N GLU A 113 -12.12 8.61 11.63
CA GLU A 113 -12.97 8.67 10.46
C GLU A 113 -12.12 8.76 9.19
N ARG A 114 -12.38 7.88 8.22
CA ARG A 114 -11.72 7.96 6.92
C ARG A 114 -12.20 9.22 6.22
N SER A 115 -11.40 9.69 5.28
CA SER A 115 -11.66 10.90 4.55
C SER A 115 -12.02 10.54 3.11
N PRO A 116 -13.29 10.75 2.70
CA PRO A 116 -13.66 10.45 1.31
C PRO A 116 -12.99 11.45 0.38
N LEU A 117 -12.46 10.94 -0.72
CA LEU A 117 -11.87 11.75 -1.75
C LEU A 117 -12.85 11.92 -2.90
N SER A 118 -12.86 13.10 -3.50
CA SER A 118 -13.75 13.37 -4.61
C SER A 118 -12.94 13.44 -5.87
N CYS A 119 -12.10 12.43 -6.05
CA CYS A 119 -11.25 12.34 -7.21
C CYS A 119 -12.07 11.59 -8.26
N GLY A 120 -11.57 11.54 -9.48
CA GLY A 120 -12.28 10.72 -10.46
C GLY A 120 -11.99 9.24 -10.22
N HIS A 121 -12.35 8.43 -11.20
CA HIS A 121 -11.89 7.06 -11.26
C HIS A 121 -10.38 7.05 -11.37
N LEU A 122 -9.76 6.18 -10.56
CA LEU A 122 -8.32 6.04 -10.57
C LEU A 122 -7.93 4.76 -11.28
N SER A 123 -6.86 4.89 -12.08
CA SER A 123 -6.29 3.79 -12.84
CA SER A 123 -6.29 3.77 -12.83
C SER A 123 -4.85 3.56 -12.40
N ARG A 124 -4.09 4.65 -12.27
CA ARG A 124 -2.69 4.55 -11.88
C ARG A 124 -2.40 5.76 -10.99
N VAL A 125 -1.73 5.48 -9.87
CA VAL A 125 -1.50 6.48 -8.85
C VAL A 125 -0.01 6.53 -8.58
N ARG A 126 0.54 7.76 -8.52
CA ARG A 126 1.90 7.94 -8.05
C ARG A 126 1.87 8.18 -6.54
N VAL A 127 2.77 7.47 -5.85
CA VAL A 127 2.97 7.66 -4.43
C VAL A 127 4.32 8.35 -4.31
N ALA A 128 4.37 9.46 -3.57
CA ALA A 128 5.61 10.21 -3.40
C ALA A 128 5.87 10.30 -1.91
N LEU A 129 6.99 9.67 -1.47
CA LEU A 129 7.38 9.65 -0.08
C LEU A 129 8.55 10.61 0.08
N ASP A 130 8.36 11.63 0.93
CA ASP A 130 9.40 12.61 1.18
C ASP A 130 9.67 12.61 2.68
N LEU A 131 10.82 12.05 3.05
CA LEU A 131 11.19 11.89 4.43
C LEU A 131 11.91 13.12 4.94
N GLU A 132 12.23 14.06 4.06
CA GLU A 132 12.77 15.34 4.51
C GLU A 132 11.63 16.25 4.96
N VAL A 133 10.65 16.40 4.07
CA VAL A 133 9.46 17.18 4.33
C VAL A 133 8.61 16.53 5.40
N GLY A 134 8.52 15.19 5.33
CA GLY A 134 7.70 14.40 6.22
C GLY A 134 6.29 14.29 5.65
N ALA A 135 6.21 13.64 4.48
CA ALA A 135 4.93 13.52 3.81
C ALA A 135 4.89 12.29 2.94
N VAL A 136 3.67 11.75 2.82
CA VAL A 136 3.32 10.72 1.87
C VAL A 136 2.20 11.29 1.03
N SER A 137 2.39 11.36 -0.28
CA SER A 137 1.44 12.01 -1.18
C SER A 137 1.05 11.04 -2.29
N PHE A 138 -0.15 11.29 -2.83
CA PHE A 138 -0.72 10.47 -3.87
C PHE A 138 -1.24 11.38 -4.96
N TYR A 139 -0.92 10.98 -6.19
CA TYR A 139 -1.33 11.72 -7.37
C TYR A 139 -1.93 10.77 -8.40
N ALA A 140 -3.01 11.21 -9.05
CA ALA A 140 -3.47 10.52 -10.24
C ALA A 140 -2.48 10.80 -11.38
N VAL A 141 -1.99 9.75 -12.04
CA VAL A 141 -0.87 9.92 -12.94
C VAL A 141 -1.23 10.81 -14.12
N GLU A 142 -2.45 10.70 -14.64
CA GLU A 142 -2.70 11.18 -16.00
C GLU A 142 -2.33 12.66 -16.15
N ASP A 143 -2.56 13.48 -15.11
CA ASP A 143 -2.28 14.91 -15.11
C ASP A 143 -1.51 15.29 -13.84
N MET A 144 -0.95 14.26 -13.19
CA MET A 144 -0.27 14.35 -11.90
C MET A 144 -1.08 15.17 -10.90
N ARG A 145 -2.37 14.87 -10.86
CA ARG A 145 -3.31 15.58 -10.03
C ARG A 145 -3.19 15.07 -8.61
N HIS A 146 -2.89 15.97 -7.70
CA HIS A 146 -2.77 15.64 -6.28
C HIS A 146 -4.12 15.17 -5.73
N LEU A 147 -4.06 14.00 -5.09
CA LEU A 147 -5.21 13.41 -4.44
C LEU A 147 -5.21 13.66 -2.94
N TYR A 148 -4.07 13.42 -2.28
CA TYR A 148 -4.06 13.47 -0.82
C TYR A 148 -2.62 13.43 -0.34
N THR A 149 -2.37 14.14 0.76
CA THR A 149 -1.11 14.05 1.46
C THR A 149 -1.38 13.77 2.94
N PHE A 150 -0.63 12.78 3.48
CA PHE A 150 -0.45 12.64 4.91
C PHE A 150 0.86 13.31 5.32
N ARG A 151 0.80 14.17 6.34
CA ARG A 151 2.01 14.76 6.90
C ARG A 151 2.39 13.89 8.08
N VAL A 152 3.63 13.38 8.06
CA VAL A 152 4.09 12.44 9.06
C VAL A 152 5.53 12.75 9.38
N ASN A 153 5.84 12.63 10.68
CA ASN A 153 7.20 12.74 11.16
C ASN A 153 7.78 11.34 11.28
N PHE A 154 8.17 10.78 10.14
CA PHE A 154 8.77 9.46 10.08
C PHE A 154 10.11 9.50 10.82
N GLN A 155 10.30 8.54 11.72
CA GLN A 155 11.52 8.45 12.52
C GLN A 155 12.19 7.09 12.33
N GLU A 156 11.87 6.40 11.23
CA GLU A 156 12.35 5.06 11.02
C GLU A 156 12.25 4.76 9.52
N ARG A 157 12.57 3.52 9.14
CA ARG A 157 12.48 3.14 7.74
C ARG A 157 11.01 2.95 7.37
N VAL A 158 10.65 3.40 6.17
CA VAL A 158 9.29 3.39 5.67
C VAL A 158 9.24 2.54 4.41
N PHE A 159 8.24 1.65 4.36
CA PHE A 159 8.10 0.72 3.27
C PHE A 159 6.83 1.02 2.46
N PRO A 160 6.91 0.91 1.14
CA PRO A 160 5.72 0.83 0.31
C PRO A 160 4.85 -0.35 0.79
N LEU A 161 3.55 -0.07 0.90
CA LEU A 161 2.58 -0.97 1.50
C LEU A 161 1.46 -1.21 0.49
N PHE A 162 1.00 -2.46 0.43
CA PHE A 162 -0.12 -2.86 -0.39
C PHE A 162 -1.01 -3.81 0.40
N SER A 163 -2.30 -3.68 0.19
CA SER A 163 -3.25 -4.59 0.85
C SER A 163 -4.41 -4.87 -0.08
N VAL A 164 -4.84 -6.12 -0.14
CA VAL A 164 -5.96 -6.51 -0.97
C VAL A 164 -6.80 -7.49 -0.17
N CYS A 165 -8.08 -7.13 0.07
CA CYS A 165 -8.93 -7.96 0.96
C CYS A 165 -10.17 -8.45 0.22
N SER A 166 -10.16 -8.31 -1.10
CA SER A 166 -11.26 -8.88 -1.93
C SER A 166 -10.65 -9.64 -3.10
N THR A 167 -11.32 -10.72 -3.52
CA THR A 167 -10.77 -11.55 -4.62
C THR A 167 -10.97 -10.92 -5.99
N GLY A 168 -11.69 -9.83 -6.12
CA GLY A 168 -11.91 -9.36 -7.49
C GLY A 168 -11.07 -8.15 -7.87
N THR A 169 -10.16 -7.80 -6.99
CA THR A 169 -9.35 -6.61 -7.27
C THR A 169 -7.85 -6.89 -7.15
N TYR A 170 -7.02 -5.87 -7.43
CA TYR A 170 -5.58 -6.09 -7.37
C TYR A 170 -4.89 -4.73 -7.27
N LEU A 171 -3.59 -4.79 -6.98
CA LEU A 171 -2.69 -3.66 -7.12
C LEU A 171 -1.48 -4.17 -7.88
N ARG A 172 -0.87 -3.29 -8.69
N ARG A 172 -0.86 -3.28 -8.67
CA ARG A 172 0.31 -3.68 -9.44
CA ARG A 172 0.29 -3.67 -9.43
C ARG A 172 1.27 -2.51 -9.47
C ARG A 172 1.27 -2.49 -9.46
N ILE A 173 2.40 -2.81 -9.02
CA ILE A 173 3.55 -1.86 -9.18
C ILE A 173 3.75 -1.63 -10.68
N TRP A 174 3.70 -0.37 -11.09
CA TRP A 174 3.68 -0.09 -12.55
C TRP A 174 5.06 0.29 -13.04
N PRO A 175 5.51 -0.28 -14.18
CA PRO A 175 4.61 -1.01 -15.08
C PRO A 175 4.44 -2.52 -14.89
#